data_8AXJ
#
_entry.id   8AXJ
#
_cell.length_a   39.799
_cell.length_b   52.960
_cell.length_c   61.433
_cell.angle_alpha   90.000
_cell.angle_beta   90.000
_cell.angle_gamma   90.000
#
_symmetry.space_group_name_H-M   'P 21 21 21'
#
loop_
_entity.id
_entity.type
_entity.pdbx_description
1 polymer 'Chains: A'
2 non-polymer 'PHOSPHATE ION'
3 non-polymer GLYCEROL
4 water water
#
_entity_poly.entity_id   1
_entity_poly.type   'polypeptide(L)'
_entity_poly.pdbx_seq_one_letter_code
;GHMAGVLTENLVLQKTKVDSIQRVRKLNVCAAQLSDIGVLRRACNLEVLSLSLNELSELGVLENCPRLSELYLRKNRVED
LNQVLHLSDAPNLTVLTLTENPICQDPNYRRFVIAAVGSLQRLDDIDILPQEREEAYRVFPNLHAIAPPPSLYCDPAKGK
IR
;
_entity_poly.pdbx_strand_id   A
#
# COMPACT_ATOMS: atom_id res chain seq x y z
N HIS A 2 20.78 -5.67 -14.74
CA HIS A 2 20.30 -4.26 -14.58
C HIS A 2 18.82 -4.16 -14.17
N MET A 3 18.01 -5.17 -14.50
CA MET A 3 16.65 -5.24 -13.98
C MET A 3 16.60 -6.00 -12.65
N ALA A 4 17.74 -6.16 -11.97
CA ALA A 4 17.74 -6.80 -10.66
C ALA A 4 16.83 -6.02 -9.71
N GLY A 5 15.86 -6.72 -9.13
CA GLY A 5 14.96 -6.09 -8.21
C GLY A 5 13.79 -5.38 -8.84
N VAL A 6 13.69 -5.37 -10.15
CA VAL A 6 12.64 -4.65 -10.84
C VAL A 6 11.59 -5.67 -11.28
N LEU A 7 10.34 -5.47 -10.85
CA LEU A 7 9.26 -6.33 -11.30
C LEU A 7 8.96 -6.00 -12.76
N THR A 8 8.91 -7.02 -13.61
CA THR A 8 8.71 -6.78 -15.02
C THR A 8 7.33 -7.26 -15.46
N GLU A 9 6.88 -6.70 -16.58
CA GLU A 9 5.63 -7.16 -17.17
C GLU A 9 5.70 -8.64 -17.48
N ASN A 10 6.81 -9.09 -18.06
CA ASN A 10 6.98 -10.51 -18.40
C ASN A 10 6.76 -11.39 -17.18
N LEU A 11 7.40 -11.06 -16.06
CA LEU A 11 7.28 -11.92 -14.90
C LEU A 11 5.85 -11.94 -14.37
N VAL A 12 5.18 -10.78 -14.39
CA VAL A 12 3.80 -10.69 -13.90
C VAL A 12 2.87 -11.49 -14.78
N LEU A 13 2.99 -11.31 -16.09
CA LEU A 13 2.08 -12.01 -17.00
C LEU A 13 2.36 -13.51 -17.05
N GLN A 14 3.63 -13.94 -16.92
CA GLN A 14 3.91 -15.38 -16.84
C GLN A 14 3.18 -15.97 -15.65
N LYS A 15 3.18 -15.25 -14.54
CA LYS A 15 2.65 -15.79 -13.31
C LYS A 15 1.13 -15.81 -13.31
N THR A 16 0.50 -14.78 -13.88
CA THR A 16 -0.92 -14.59 -13.76
C THR A 16 -1.72 -15.10 -14.94
N LYS A 17 -1.08 -15.30 -16.10
CA LYS A 17 -1.67 -15.90 -17.29
C LYS A 17 -2.62 -14.98 -18.03
N VAL A 18 -2.69 -13.69 -17.72
CA VAL A 18 -3.53 -12.74 -18.44
C VAL A 18 -2.68 -12.02 -19.48
N ASP A 19 -3.34 -11.24 -20.34
CA ASP A 19 -2.68 -10.60 -21.49
C ASP A 19 -2.20 -9.17 -21.22
N SER A 20 -2.61 -8.54 -20.13
CA SER A 20 -2.26 -7.16 -19.86
C SER A 20 -2.17 -6.98 -18.35
N ILE A 21 -1.38 -5.99 -17.94
CA ILE A 21 -1.31 -5.65 -16.52
C ILE A 21 -2.66 -5.22 -16.00
N GLN A 22 -3.48 -4.59 -16.85
CA GLN A 22 -4.79 -4.14 -16.44
C GLN A 22 -5.73 -5.28 -16.11
N ARG A 23 -5.44 -6.51 -16.51
CA ARG A 23 -6.30 -7.65 -16.20
C ARG A 23 -5.79 -8.49 -15.04
N VAL A 24 -4.73 -8.08 -14.38
CA VAL A 24 -4.23 -8.77 -13.18
C VAL A 24 -5.14 -8.43 -12.01
N ARG A 25 -5.74 -9.43 -11.39
CA ARG A 25 -6.67 -9.22 -10.27
C ARG A 25 -6.10 -9.70 -8.94
N LYS A 26 -5.29 -10.75 -8.94
CA LYS A 26 -4.59 -11.21 -7.75
C LYS A 26 -3.13 -11.43 -8.15
N LEU A 27 -2.21 -11.07 -7.26
CA LEU A 27 -0.79 -11.24 -7.52
C LEU A 27 -0.08 -11.50 -6.22
N ASN A 28 0.67 -12.59 -6.17
CA ASN A 28 1.50 -12.95 -5.02
C ASN A 28 2.92 -13.01 -5.52
N VAL A 29 3.76 -12.09 -5.04
CA VAL A 29 5.16 -12.02 -5.40
C VAL A 29 5.97 -11.80 -4.14
N CYS A 30 5.71 -12.62 -3.14
CA CYS A 30 6.45 -12.53 -1.90
CA CYS A 30 6.43 -12.58 -1.88
C CYS A 30 7.84 -13.10 -2.09
N ALA A 31 8.81 -12.52 -1.37
CA ALA A 31 10.16 -13.08 -1.30
C ALA A 31 10.84 -13.12 -2.68
N ALA A 32 10.74 -12.01 -3.41
CA ALA A 32 11.25 -11.91 -4.77
C ALA A 32 12.33 -10.83 -4.92
N GLN A 33 12.91 -10.36 -3.82
CA GLN A 33 14.00 -9.37 -3.85
C GLN A 33 13.60 -8.09 -4.58
N LEU A 34 12.33 -7.70 -4.52
CA LEU A 34 11.88 -6.58 -5.31
C LEU A 34 12.11 -5.25 -4.62
N SER A 35 12.63 -4.29 -5.37
CA SER A 35 12.74 -2.91 -4.93
C SER A 35 12.03 -1.91 -5.82
N ASP A 36 11.56 -2.32 -6.99
CA ASP A 36 10.87 -1.43 -7.92
C ASP A 36 9.66 -2.17 -8.45
N ILE A 37 8.48 -1.57 -8.24
CA ILE A 37 7.20 -2.13 -8.68
C ILE A 37 6.45 -1.13 -9.56
N GLY A 38 7.20 -0.27 -10.26
CA GLY A 38 6.58 0.71 -11.14
C GLY A 38 5.73 0.12 -12.24
N VAL A 39 5.97 -1.14 -12.60
CA VAL A 39 5.14 -1.79 -13.62
C VAL A 39 3.68 -1.87 -13.20
N LEU A 40 3.38 -1.76 -11.90
CA LEU A 40 1.99 -1.82 -11.44
C LEU A 40 1.24 -0.52 -11.70
N ARG A 41 1.84 0.47 -12.36
CA ARG A 41 1.10 1.70 -12.64
C ARG A 41 -0.17 1.41 -13.42
N ARG A 42 -0.18 0.39 -14.25
CA ARG A 42 -1.37 0.10 -15.05
C ARG A 42 -2.23 -1.00 -14.44
N ALA A 43 -1.99 -1.36 -13.18
CA ALA A 43 -2.71 -2.47 -12.55
C ALA A 43 -4.02 -1.99 -11.93
N CYS A 44 -4.89 -1.48 -12.79
CA CYS A 44 -6.07 -0.81 -12.32
C CYS A 44 -7.11 -1.77 -11.74
N ASN A 45 -7.01 -3.08 -12.01
CA ASN A 45 -7.98 -4.05 -11.53
C ASN A 45 -7.44 -4.95 -10.43
N LEU A 46 -6.25 -4.65 -9.93
CA LEU A 46 -5.64 -5.45 -8.91
C LEU A 46 -6.41 -5.32 -7.61
N GLU A 47 -6.78 -6.47 -7.02
CA GLU A 47 -7.57 -6.50 -5.80
C GLU A 47 -6.80 -7.08 -4.62
N VAL A 48 -6.02 -8.13 -4.82
CA VAL A 48 -5.32 -8.79 -3.75
C VAL A 48 -3.86 -8.84 -4.15
N LEU A 49 -3.01 -8.18 -3.37
CA LEU A 49 -1.60 -8.03 -3.71
C LEU A 49 -0.76 -8.41 -2.51
N SER A 50 0.09 -9.42 -2.68
CA SER A 50 1.04 -9.83 -1.65
CA SER A 50 1.04 -9.76 -1.63
C SER A 50 2.46 -9.51 -2.13
N LEU A 51 3.12 -8.62 -1.43
CA LEU A 51 4.46 -8.15 -1.69
C LEU A 51 5.35 -8.36 -0.48
N SER A 52 4.95 -9.23 0.45
CA SER A 52 5.73 -9.42 1.65
C SER A 52 7.13 -9.94 1.35
N LEU A 53 8.04 -9.64 2.26
CA LEU A 53 9.41 -10.14 2.22
C LEU A 53 10.12 -9.67 0.94
N ASN A 54 10.01 -8.39 0.65
CA ASN A 54 10.72 -7.76 -0.46
C ASN A 54 11.54 -6.60 0.08
N GLU A 55 11.99 -5.72 -0.80
CA GLU A 55 12.92 -4.64 -0.47
C GLU A 55 12.30 -3.29 -0.78
N LEU A 56 10.99 -3.19 -0.63
CA LEU A 56 10.28 -2.00 -1.06
C LEU A 56 10.27 -0.91 0.00
N SER A 57 10.49 0.33 -0.44
CA SER A 57 10.41 1.48 0.43
C SER A 57 9.46 2.57 -0.06
N GLU A 58 8.86 2.42 -1.23
CA GLU A 58 8.17 3.52 -1.92
C GLU A 58 6.88 2.97 -2.54
N LEU A 59 5.74 3.57 -2.16
CA LEU A 59 4.44 2.96 -2.40
C LEU A 59 3.60 3.74 -3.40
N GLY A 60 4.17 4.74 -4.06
CA GLY A 60 3.36 5.61 -4.88
C GLY A 60 2.65 4.92 -6.03
N VAL A 61 3.24 3.84 -6.58
CA VAL A 61 2.58 3.16 -7.68
C VAL A 61 1.20 2.69 -7.29
N LEU A 62 0.98 2.41 -5.99
CA LEU A 62 -0.29 1.83 -5.56
C LEU A 62 -1.44 2.84 -5.60
N GLU A 63 -1.16 4.13 -5.80
CA GLU A 63 -2.23 5.09 -6.05
C GLU A 63 -3.00 4.75 -7.33
N ASN A 64 -2.40 3.96 -8.22
CA ASN A 64 -3.03 3.58 -9.48
C ASN A 64 -3.96 2.38 -9.36
N CYS A 65 -4.22 1.90 -8.15
CA CYS A 65 -4.88 0.61 -7.92
C CYS A 65 -6.13 0.85 -7.07
N PRO A 66 -7.18 1.45 -7.66
CA PRO A 66 -8.37 1.81 -6.87
C PRO A 66 -9.17 0.63 -6.38
N ARG A 67 -8.95 -0.53 -6.97
CA ARG A 67 -9.70 -1.72 -6.63
C ARG A 67 -9.02 -2.51 -5.53
N LEU A 68 -7.89 -2.04 -5.04
CA LEU A 68 -7.15 -2.81 -4.05
C LEU A 68 -7.99 -3.04 -2.82
N SER A 69 -8.09 -4.29 -2.40
CA SER A 69 -8.87 -4.78 -1.28
CA SER A 69 -8.86 -4.65 -1.23
C SER A 69 -8.00 -5.26 -0.13
N GLU A 70 -6.96 -6.00 -0.45
CA GLU A 70 -6.04 -6.59 0.51
C GLU A 70 -4.63 -6.34 0.02
N LEU A 71 -3.79 -5.82 0.91
CA LEU A 71 -2.42 -5.46 0.59
C LEU A 71 -1.50 -5.95 1.68
N TYR A 72 -0.58 -6.84 1.31
CA TYR A 72 0.33 -7.47 2.26
C TYR A 72 1.75 -7.02 1.94
N LEU A 73 2.35 -6.33 2.90
CA LEU A 73 3.66 -5.72 2.79
C LEU A 73 4.56 -6.05 3.97
N ARG A 74 4.31 -7.17 4.65
CA ARG A 74 5.16 -7.55 5.77
C ARG A 74 6.63 -7.59 5.36
N LYS A 75 7.49 -7.10 6.24
CA LYS A 75 8.93 -7.26 6.10
C LYS A 75 9.40 -6.67 4.76
N ASN A 76 9.12 -5.40 4.57
CA ASN A 76 9.75 -4.57 3.54
C ASN A 76 10.62 -3.52 4.22
N ARG A 77 10.87 -2.42 3.53
CA ARG A 77 11.80 -1.38 3.97
C ARG A 77 11.13 -0.03 3.99
N VAL A 78 9.85 0.02 4.37
CA VAL A 78 9.16 1.29 4.43
C VAL A 78 9.61 2.04 5.67
N GLU A 79 10.23 3.20 5.46
CA GLU A 79 10.94 3.98 6.45
C GLU A 79 10.21 5.27 6.82
N ASP A 80 9.28 5.73 6.01
CA ASP A 80 8.61 7.01 6.21
C ASP A 80 7.11 6.77 6.31
N LEU A 81 6.51 7.16 7.44
CA LEU A 81 5.08 6.99 7.63
C LEU A 81 4.28 7.63 6.52
N ASN A 82 4.79 8.74 5.94
CA ASN A 82 4.01 9.44 4.91
CA ASN A 82 4.02 9.43 4.91
C ASN A 82 3.83 8.58 3.66
N GLN A 83 4.62 7.52 3.46
CA GLN A 83 4.35 6.62 2.34
C GLN A 83 2.95 6.03 2.42
N VAL A 84 2.41 5.85 3.64
CA VAL A 84 1.08 5.29 3.78
C VAL A 84 0.01 6.22 3.22
N LEU A 85 0.31 7.53 3.08
CA LEU A 85 -0.66 8.46 2.50
C LEU A 85 -0.98 8.10 1.05
N HIS A 86 -0.10 7.34 0.37
CA HIS A 86 -0.44 6.84 -0.97
C HIS A 86 -1.64 5.90 -0.97
N LEU A 87 -2.06 5.41 0.19
CA LEU A 87 -3.21 4.53 0.33
C LEU A 87 -4.45 5.27 0.83
N SER A 88 -4.34 6.57 1.09
CA SER A 88 -5.46 7.29 1.68
C SER A 88 -6.67 7.33 0.79
N ASP A 89 -6.48 7.30 -0.53
CA ASP A 89 -7.58 7.43 -1.46
C ASP A 89 -8.07 6.09 -1.99
N ALA A 90 -7.60 4.99 -1.43
CA ALA A 90 -7.96 3.64 -1.87
C ALA A 90 -9.30 3.25 -1.26
N PRO A 91 -10.41 3.38 -2.00
CA PRO A 91 -11.73 3.34 -1.36
C PRO A 91 -12.14 1.97 -0.90
N ASN A 92 -11.47 0.93 -1.42
CA ASN A 92 -11.87 -0.44 -1.19
C ASN A 92 -10.90 -1.24 -0.34
N LEU A 93 -9.86 -0.58 0.17
CA LEU A 93 -8.77 -1.26 0.86
C LEU A 93 -9.19 -1.52 2.30
N THR A 94 -9.47 -2.78 2.60
CA THR A 94 -9.95 -3.16 3.92
C THR A 94 -8.92 -3.88 4.76
N VAL A 95 -7.90 -4.48 4.16
CA VAL A 95 -6.89 -5.25 4.88
C VAL A 95 -5.51 -4.78 4.45
N LEU A 96 -4.66 -4.48 5.43
CA LEU A 96 -3.29 -4.03 5.18
C LEU A 96 -2.38 -4.67 6.20
N THR A 97 -1.23 -5.17 5.77
CA THR A 97 -0.18 -5.58 6.69
C THR A 97 1.13 -4.88 6.36
N LEU A 98 1.67 -4.19 7.36
CA LEU A 98 2.97 -3.55 7.29
C LEU A 98 3.94 -4.09 8.34
N THR A 99 3.53 -5.07 9.13
CA THR A 99 4.37 -5.61 10.20
CA THR A 99 4.37 -5.58 10.20
C THR A 99 5.78 -5.87 9.70
N GLU A 100 6.76 -5.54 10.54
CA GLU A 100 8.18 -5.72 10.29
C GLU A 100 8.76 -4.73 9.28
N ASN A 101 8.05 -3.68 8.95
CA ASN A 101 8.69 -2.52 8.34
C ASN A 101 9.12 -1.57 9.46
N PRO A 102 10.17 -0.77 9.23
CA PRO A 102 10.62 0.14 10.30
C PRO A 102 9.54 1.05 10.85
N ILE A 103 8.61 1.52 10.01
CA ILE A 103 7.59 2.44 10.48
C ILE A 103 6.72 1.86 11.57
N CYS A 104 6.64 0.52 11.67
CA CYS A 104 5.75 -0.07 12.65
C CYS A 104 6.17 0.23 14.07
N GLN A 105 7.43 0.62 14.29
CA GLN A 105 7.91 1.00 15.61
C GLN A 105 7.96 2.50 15.82
N ASP A 106 7.42 3.27 14.92
CA ASP A 106 7.32 4.70 15.16
C ASP A 106 6.16 4.98 16.10
N PRO A 107 6.32 5.95 17.01
CA PRO A 107 5.18 6.35 17.84
C PRO A 107 3.96 6.63 16.99
N ASN A 108 2.82 6.12 17.44
CA ASN A 108 1.52 6.41 16.85
C ASN A 108 1.36 5.87 15.45
N TYR A 109 2.20 4.89 15.07
CA TYR A 109 2.10 4.27 13.76
C TYR A 109 0.69 3.77 13.49
N ARG A 110 0.12 2.98 14.42
CA ARG A 110 -1.15 2.34 14.11
C ARG A 110 -2.25 3.38 13.97
N ARG A 111 -2.28 4.36 14.87
CA ARG A 111 -3.27 5.44 14.75
C ARG A 111 -3.11 6.19 13.43
N PHE A 112 -1.87 6.48 13.04
CA PHE A 112 -1.62 7.20 11.79
C PHE A 112 -2.18 6.44 10.61
N VAL A 113 -1.89 5.13 10.55
CA VAL A 113 -2.33 4.35 9.41
C VAL A 113 -3.86 4.32 9.37
N ILE A 114 -4.49 4.07 10.53
CA ILE A 114 -5.94 4.02 10.57
C ILE A 114 -6.55 5.35 10.14
N ALA A 115 -6.01 6.45 10.66
CA ALA A 115 -6.54 7.77 10.33
C ALA A 115 -6.27 8.16 8.88
N ALA A 116 -5.25 7.57 8.26
CA ALA A 116 -4.91 7.86 6.87
C ALA A 116 -5.75 7.06 5.90
N VAL A 117 -6.14 5.85 6.25
CA VAL A 117 -6.76 4.91 5.30
C VAL A 117 -8.17 4.67 5.83
N GLY A 118 -9.12 5.49 5.38
CA GLY A 118 -10.46 5.51 5.95
C GLY A 118 -11.23 4.23 5.73
N SER A 119 -10.89 3.47 4.70
CA SER A 119 -11.59 2.23 4.39
C SER A 119 -11.11 1.04 5.22
N LEU A 120 -10.01 1.16 5.94
CA LEU A 120 -9.38 -0.01 6.53
C LEU A 120 -10.22 -0.59 7.63
N GLN A 121 -10.32 -1.92 7.62
CA GLN A 121 -11.00 -2.69 8.66
C GLN A 121 -10.05 -3.55 9.47
N ARG A 122 -8.82 -3.73 9.00
CA ARG A 122 -7.88 -4.66 9.62
C ARG A 122 -6.48 -4.20 9.26
N LEU A 123 -5.61 -4.15 10.25
CA LEU A 123 -4.23 -3.74 10.08
C LEU A 123 -3.34 -4.68 10.85
N ASP A 124 -2.35 -5.27 10.18
CA ASP A 124 -1.35 -6.08 10.88
C ASP A 124 -1.97 -7.23 11.63
N ASP A 125 -2.99 -7.83 11.02
CA ASP A 125 -3.67 -9.02 11.49
C ASP A 125 -4.58 -8.76 12.69
N ILE A 126 -4.86 -7.49 12.98
CA ILE A 126 -5.70 -7.08 14.11
CA ILE A 126 -5.72 -7.10 14.10
C ILE A 126 -6.83 -6.21 13.55
N ASP A 127 -8.07 -6.67 13.72
CA ASP A 127 -9.20 -5.89 13.26
C ASP A 127 -9.27 -4.56 14.00
N ILE A 128 -9.72 -3.54 13.29
CA ILE A 128 -9.90 -2.19 13.81
C ILE A 128 -11.31 -2.09 14.36
N LEU A 129 -11.43 -1.81 15.64
CA LEU A 129 -12.75 -1.68 16.20
CA LEU A 129 -12.70 -1.64 16.31
C LEU A 129 -13.28 -0.27 15.97
N PRO A 130 -14.61 -0.13 16.00
CA PRO A 130 -15.19 1.20 15.77
C PRO A 130 -14.57 2.29 16.64
N GLN A 131 -14.41 2.03 17.93
CA GLN A 131 -13.87 3.05 18.82
C GLN A 131 -12.40 3.30 18.56
N GLU A 132 -11.70 2.30 18.05
CA GLU A 132 -10.30 2.50 17.71
C GLU A 132 -10.16 3.49 16.56
N ARG A 133 -11.03 3.35 15.55
CA ARG A 133 -11.00 4.30 14.44
C ARG A 133 -11.37 5.69 14.92
N GLU A 134 -12.38 5.79 15.77
CA GLU A 134 -12.79 7.11 16.26
C GLU A 134 -11.64 7.78 16.98
N GLU A 135 -10.93 7.05 17.84
CA GLU A 135 -9.82 7.63 18.56
C GLU A 135 -8.69 8.04 17.62
N ALA A 136 -8.39 7.22 16.61
CA ALA A 136 -7.34 7.56 15.67
C ALA A 136 -7.64 8.88 14.97
N TYR A 137 -8.89 9.10 14.58
CA TYR A 137 -9.26 10.35 13.94
C TYR A 137 -9.19 11.54 14.90
N ARG A 138 -9.43 11.33 16.19
CA ARG A 138 -9.26 12.43 17.14
C ARG A 138 -7.80 12.83 17.23
N VAL A 139 -6.89 11.87 17.21
CA VAL A 139 -5.46 12.19 17.30
C VAL A 139 -4.98 12.85 16.02
N PHE A 140 -5.39 12.31 14.87
CA PHE A 140 -4.93 12.72 13.54
C PHE A 140 -6.14 13.04 12.68
N PRO A 141 -6.68 14.25 12.79
CA PRO A 141 -7.94 14.56 12.09
C PRO A 141 -7.83 14.89 10.63
N ASN A 142 -6.63 15.18 10.09
CA ASN A 142 -6.56 15.77 8.76
C ASN A 142 -5.81 14.96 7.72
N LEU A 143 -5.53 13.67 7.97
CA LEU A 143 -4.58 13.00 7.10
C LEU A 143 -5.08 12.80 5.68
N HIS A 144 -6.38 12.72 5.47
CA HIS A 144 -6.89 12.55 4.11
C HIS A 144 -6.65 13.75 3.23
N ALA A 145 -6.31 14.90 3.81
CA ALA A 145 -6.02 16.09 3.07
C ALA A 145 -4.53 16.27 2.80
N ILE A 146 -3.66 15.46 3.40
CA ILE A 146 -2.22 15.70 3.32
C ILE A 146 -1.66 15.11 2.03
N ALA A 147 -0.87 15.89 1.30
CA ALA A 147 -0.31 15.40 0.05
C ALA A 147 0.64 14.25 0.32
N PRO A 148 0.52 13.13 -0.40
CA PRO A 148 1.51 12.07 -0.27
C PRO A 148 2.86 12.50 -0.82
N PRO A 149 3.92 11.78 -0.50
CA PRO A 149 5.24 12.11 -1.02
C PRO A 149 5.28 11.98 -2.53
N PRO A 150 6.18 12.72 -3.21
CA PRO A 150 6.32 12.55 -4.64
CA PRO A 150 6.36 12.55 -4.64
C PRO A 150 6.73 11.11 -4.98
N SER A 151 6.34 10.69 -6.19
CA SER A 151 6.70 9.37 -6.68
C SER A 151 6.98 9.44 -8.17
N LEU A 152 7.86 8.57 -8.62
CA LEU A 152 8.04 8.36 -10.05
C LEU A 152 6.83 7.71 -10.69
N TYR A 153 5.99 7.04 -9.90
CA TYR A 153 5.05 6.07 -10.43
C TYR A 153 3.59 6.42 -10.18
N CYS A 154 3.32 7.66 -9.79
CA CYS A 154 1.95 8.16 -9.82
C CYS A 154 1.98 9.66 -10.03
N ASP A 155 0.87 10.18 -10.56
CA ASP A 155 0.67 11.60 -10.63
C ASP A 155 0.27 12.10 -9.24
N PRO A 156 0.43 13.40 -8.96
CA PRO A 156 0.03 13.88 -7.63
C PRO A 156 -1.46 13.69 -7.39
N ALA A 157 -1.79 13.13 -6.22
CA ALA A 157 -3.18 12.88 -5.88
C ALA A 157 -3.95 14.19 -5.87
N LYS A 158 -5.18 14.15 -6.37
CA LYS A 158 -6.06 15.29 -6.35
C LYS A 158 -6.68 15.49 -4.98
N GLY A 159 -7.14 16.70 -4.72
CA GLY A 159 -7.87 16.98 -3.50
C GLY A 159 -7.01 17.04 -2.25
N LYS A 160 -5.75 17.43 -2.39
CA LYS A 160 -4.85 17.50 -1.26
C LYS A 160 -4.33 18.93 -1.07
N ILE A 161 -4.02 19.24 0.19
CA ILE A 161 -3.28 20.45 0.53
C ILE A 161 -1.87 20.29 0.02
N ARG A 162 -1.41 21.22 -0.81
CA ARG A 162 -0.07 21.20 -1.35
C ARG A 162 0.55 22.55 -1.24
#